data_3VEW
#
_entry.id   3VEW
#
_cell.length_a   98.022
_cell.length_b   98.022
_cell.length_c   280.697
_cell.angle_alpha   90.000
_cell.angle_beta   90.000
_cell.angle_gamma   120.000
#
_symmetry.space_group_name_H-M   'P 61 2 2'
#
loop_
_entity.id
_entity.type
_entity.pdbx_description
1 polymer 'O-carbamoyltransferase TobZ'
2 non-polymer "ADENOSINE-5'-DIPHOSPHATE"
3 non-polymer 'FE (II) ION'
4 non-polymer 'SULFATE ION'
5 water water
#
_entity_poly.entity_id   1
_entity_poly.type   'polypeptide(L)'
_entity_poly.pdbx_seq_one_letter_code
;HHHHHHMRVLGLNGWPRDFHDASAALLVDGRIAAFAEEERLTRKKHGYNTAPVQAAAFCLAQAGLTVDDLDAVAFGWDLP
AMYRERLGGWPHSDSEALDILLPRDVFPRRTDPPLHFVQHHLAHAASAYYFSGEDRGAVLIVDGQGEEECVTLAHAEGGK
ITVLDTVPGAWSLGFFYEHVSEYTGLGGDNPGKLMGLAAHGTTVDETLSAFAFDSDGYRLNLIDPQARDPEDWDEYSVTE
RAWFAHLERIYRLPPNEFVRRYDPAKGRVVRDTRRDPYEYRDLAATAQAALERAVFGLADSVLARTGERTLFVAGGVGLN
ATMNGKLLTRSTVDKMFVPPVASDIGVSLGAAAAVAVELGDRIAPMGDTAAWGPEFSPDQVRAALDRTGLAYREPANLER
EVAALIASGKVVGWAQGRGEVGPRALGQRSLLGSAHSPTMRDHINLRVKDREWWRPFAPSMLRSVSDQVLEVDADFPYMI
MTTKVRAAYAERLPSVVHEDWSTRPQTVTEASNPRYHRMLTELGDLVGDPVCLNTSFNDRGEPIVSSPADALLTFSRLPI
DALAVGPYLVTKDLRH
;
_entity_poly.pdbx_strand_id   A
#
# COMPACT_ATOMS: atom_id res chain seq x y z
N HIS A 6 25.23 11.08 -14.46
CA HIS A 6 24.35 10.33 -13.56
C HIS A 6 24.03 11.10 -12.28
N MET A 7 22.74 11.28 -12.03
CA MET A 7 22.29 11.80 -10.75
C MET A 7 21.70 10.66 -9.91
N ARG A 8 22.22 10.46 -8.70
CA ARG A 8 21.82 9.35 -7.84
C ARG A 8 21.32 9.84 -6.51
N VAL A 9 20.04 9.60 -6.25
CA VAL A 9 19.45 10.14 -5.05
C VAL A 9 18.81 9.04 -4.25
N LEU A 10 19.27 8.88 -3.01
CA LEU A 10 18.66 7.88 -2.15
C LEU A 10 17.60 8.55 -1.28
N GLY A 11 16.35 8.10 -1.45
CA GLY A 11 15.25 8.63 -0.67
C GLY A 11 14.92 7.71 0.49
N LEU A 12 14.63 8.29 1.64
CA LEU A 12 14.38 7.53 2.85
C LEU A 12 13.11 7.95 3.62
N ASN A 13 12.61 6.99 4.39
CA ASN A 13 11.57 7.22 5.38
C ASN A 13 11.79 6.24 6.50
N GLY A 14 11.47 6.65 7.72
CA GLY A 14 11.67 5.79 8.87
C GLY A 14 12.68 6.47 9.75
N TRP A 15 12.42 6.43 11.04
CA TRP A 15 13.25 7.14 12.01
C TRP A 15 13.00 6.44 13.34
N PRO A 16 14.00 6.40 14.22
CA PRO A 16 13.88 5.57 15.41
C PRO A 16 12.77 6.05 16.35
N ARG A 17 12.49 7.35 16.36
CA ARG A 17 11.50 7.90 17.28
C ARG A 17 10.09 8.01 16.69
N ASP A 18 9.24 7.04 16.98
CA ASP A 18 7.80 7.20 16.79
C ASP A 18 7.38 7.33 15.30
N PHE A 19 7.74 6.33 14.51
CA PHE A 19 7.55 6.35 13.05
C PHE A 19 7.04 5.00 12.55
N HIS A 20 6.63 4.98 11.28
CA HIS A 20 6.09 3.77 10.68
C HIS A 20 6.38 3.73 9.18
N ASP A 21 6.31 2.54 8.60
CA ASP A 21 6.51 2.34 7.16
C ASP A 21 7.88 2.82 6.63
N ALA A 22 8.93 2.52 7.38
CA ALA A 22 10.27 2.86 6.93
C ALA A 22 10.46 2.22 5.56
N SER A 23 11.08 2.97 4.65
CA SER A 23 11.40 2.43 3.34
C SER A 23 12.53 3.22 2.73
N ALA A 24 12.96 2.76 1.56
CA ALA A 24 14.13 3.33 0.91
C ALA A 24 13.94 3.14 -0.57
N ALA A 25 14.24 4.19 -1.33
CA ALA A 25 14.14 4.17 -2.79
C ALA A 25 15.38 4.80 -3.38
N LEU A 26 15.89 4.22 -4.47
CA LEU A 26 17.03 4.81 -5.14
C LEU A 26 16.64 5.27 -6.54
N LEU A 27 16.72 6.57 -6.80
CA LEU A 27 16.61 7.06 -8.17
C LEU A 27 17.98 7.17 -8.82
N VAL A 28 18.09 6.67 -10.04
CA VAL A 28 19.27 6.86 -10.87
C VAL A 28 18.83 7.45 -12.21
N ASP A 29 19.21 8.69 -12.47
CA ASP A 29 18.81 9.36 -13.70
C ASP A 29 17.30 9.33 -13.83
N GLY A 30 16.61 9.66 -12.74
CA GLY A 30 15.17 9.71 -12.75
C GLY A 30 14.49 8.36 -12.81
N ARG A 31 15.28 7.29 -12.83
CA ARG A 31 14.69 5.96 -12.87
C ARG A 31 14.76 5.27 -11.52
N ILE A 32 13.80 4.38 -11.25
CA ILE A 32 13.82 3.66 -10.01
C ILE A 32 14.79 2.49 -10.13
N ALA A 33 15.89 2.56 -9.40
CA ALA A 33 16.93 1.55 -9.46
C ALA A 33 16.57 0.43 -8.50
N ALA A 34 16.00 0.84 -7.37
CA ALA A 34 15.64 -0.06 -6.30
C ALA A 34 14.63 0.63 -5.38
N PHE A 35 13.83 -0.18 -4.71
CA PHE A 35 12.83 0.32 -3.80
C PHE A 35 12.45 -0.83 -2.91
N ALA A 36 12.52 -0.63 -1.59
CA ALA A 36 12.08 -1.66 -0.67
C ALA A 36 11.49 -1.10 0.61
N GLU A 37 10.57 -1.86 1.22
CA GLU A 37 10.03 -1.48 2.52
C GLU A 37 10.80 -2.24 3.60
N GLU A 38 11.11 -1.56 4.70
CA GLU A 38 11.89 -2.20 5.75
C GLU A 38 11.26 -3.50 6.23
N GLU A 39 9.94 -3.49 6.43
CA GLU A 39 9.24 -4.65 6.99
C GLU A 39 9.51 -5.92 6.20
N ARG A 40 9.54 -5.82 4.88
CA ARG A 40 9.78 -6.99 4.03
C ARG A 40 11.09 -7.67 4.34
N LEU A 41 12.08 -6.90 4.76
CA LEU A 41 13.40 -7.47 4.98
C LEU A 41 13.64 -7.85 6.44
N THR A 42 13.06 -7.08 7.37
CA THR A 42 13.23 -7.32 8.80
C THR A 42 12.22 -8.36 9.26
N ARG A 43 11.12 -8.46 8.50
CA ARG A 43 10.00 -9.36 8.79
C ARG A 43 9.11 -8.78 9.90
N LYS A 44 9.38 -7.52 10.29
CA LYS A 44 8.57 -6.79 11.25
C LYS A 44 7.57 -5.86 10.57
N LYS A 45 6.28 -6.18 10.76
CA LYS A 45 5.20 -5.48 10.07
C LYS A 45 5.18 -3.99 10.36
N HIS A 46 4.96 -3.22 9.29
CA HIS A 46 4.78 -1.77 9.33
C HIS A 46 6.09 -0.98 9.48
N GLY A 47 7.20 -1.68 9.60
CA GLY A 47 8.49 -1.01 9.67
C GLY A 47 8.49 0.11 10.68
N TYR A 48 8.22 -0.24 11.94
CA TYR A 48 8.04 0.70 13.06
C TYR A 48 9.33 1.16 13.73
N ASN A 49 9.42 2.46 14.04
CA ASN A 49 10.47 3.02 14.90
C ASN A 49 11.91 2.67 14.49
N THR A 50 12.22 2.91 13.23
CA THR A 50 13.48 2.45 12.70
C THR A 50 13.86 3.25 11.46
N ALA A 51 15.14 3.59 11.35
CA ALA A 51 15.68 4.06 10.09
C ALA A 51 15.56 2.89 9.10
N PRO A 52 15.37 3.21 7.81
CA PRO A 52 15.23 2.15 6.80
C PRO A 52 16.57 1.46 6.54
N VAL A 53 17.25 0.99 7.60
CA VAL A 53 18.60 0.44 7.46
C VAL A 53 18.73 -0.64 6.38
N GLN A 54 17.93 -1.69 6.48
CA GLN A 54 18.05 -2.79 5.52
C GLN A 54 17.60 -2.38 4.14
N ALA A 55 16.48 -1.66 4.06
CA ALA A 55 15.97 -1.24 2.76
C ALA A 55 16.98 -0.38 2.01
N ALA A 56 17.65 0.51 2.73
CA ALA A 56 18.67 1.33 2.07
C ALA A 56 19.88 0.47 1.67
N ALA A 57 20.30 -0.43 2.55
CA ALA A 57 21.39 -1.35 2.24
C ALA A 57 21.07 -2.10 0.97
N PHE A 58 19.81 -2.49 0.81
CA PHE A 58 19.45 -3.24 -0.37
C PHE A 58 19.50 -2.36 -1.62
N CYS A 59 18.95 -1.15 -1.51
CA CYS A 59 18.98 -0.25 -2.65
C CYS A 59 20.44 -0.13 -3.12
N LEU A 60 21.33 0.20 -2.20
CA LEU A 60 22.73 0.43 -2.57
C LEU A 60 23.35 -0.81 -3.20
N ALA A 61 23.19 -1.97 -2.57
CA ALA A 61 23.71 -3.21 -3.15
C ALA A 61 23.14 -3.46 -4.54
N GLN A 62 21.82 -3.33 -4.66
CA GLN A 62 21.17 -3.60 -5.93
C GLN A 62 21.79 -2.78 -7.04
N ALA A 63 22.13 -1.52 -6.73
CA ALA A 63 22.67 -0.63 -7.75
C ALA A 63 24.20 -0.63 -7.75
N GLY A 64 24.78 -1.47 -6.91
CA GLY A 64 26.22 -1.57 -6.80
C GLY A 64 26.87 -0.25 -6.41
N LEU A 65 26.21 0.50 -5.52
CA LEU A 65 26.72 1.77 -5.06
C LEU A 65 27.11 1.74 -3.60
N THR A 66 27.87 2.74 -3.16
CA THR A 66 28.03 3.03 -1.73
C THR A 66 27.45 4.43 -1.48
N VAL A 67 27.33 4.81 -0.22
CA VAL A 67 26.91 6.17 0.06
C VAL A 67 27.74 7.22 -0.69
N ASP A 68 29.04 6.98 -0.87
CA ASP A 68 29.90 7.93 -1.58
C ASP A 68 29.50 8.13 -3.05
N ASP A 69 28.67 7.25 -3.59
CA ASP A 69 28.20 7.43 -4.97
C ASP A 69 26.87 8.18 -5.06
N LEU A 70 26.38 8.66 -3.93
CA LEU A 70 25.12 9.39 -3.97
C LEU A 70 25.34 10.89 -4.12
N ASP A 71 24.54 11.49 -5.02
CA ASP A 71 24.49 12.95 -5.12
C ASP A 71 23.74 13.59 -3.96
N ALA A 72 22.84 12.82 -3.35
CA ALA A 72 21.96 13.37 -2.32
C ALA A 72 21.22 12.28 -1.58
N VAL A 73 21.04 12.49 -0.27
CA VAL A 73 20.13 11.67 0.53
C VAL A 73 18.90 12.53 0.82
N ALA A 74 17.71 12.01 0.55
CA ALA A 74 16.47 12.76 0.74
C ALA A 74 15.57 12.10 1.79
N PHE A 75 15.11 12.85 2.79
CA PHE A 75 14.23 12.27 3.79
C PHE A 75 12.81 12.88 3.72
N GLY A 76 11.80 12.01 3.70
CA GLY A 76 10.44 12.41 3.36
C GLY A 76 9.61 13.11 4.43
N TRP A 77 10.27 13.76 5.38
CA TRP A 77 9.58 14.66 6.31
C TRP A 77 10.48 15.85 6.57
N ASP A 78 9.87 16.97 6.94
CA ASP A 78 10.69 18.06 7.46
C ASP A 78 10.93 17.82 8.97
N LEU A 79 11.78 16.83 9.27
CA LEU A 79 12.12 16.46 10.65
C LEU A 79 12.61 17.66 11.45
N PRO A 80 13.51 18.48 10.86
CA PRO A 80 13.96 19.61 11.66
C PRO A 80 12.77 20.46 12.08
N ALA A 81 11.84 20.72 11.16
CA ALA A 81 10.64 21.47 11.50
C ALA A 81 9.84 20.80 12.63
N MET A 82 9.58 19.50 12.50
CA MET A 82 8.82 18.79 13.54
C MET A 82 9.49 18.84 14.89
N TYR A 83 10.82 18.75 14.91
CA TYR A 83 11.59 18.82 16.14
C TYR A 83 11.58 20.23 16.73
N ARG A 84 11.48 21.24 15.88
CA ARG A 84 11.44 22.62 16.32
C ARG A 84 10.13 22.95 17.04
N GLU A 85 9.02 22.64 16.38
CA GLU A 85 7.69 23.03 16.85
C GLU A 85 7.16 22.13 17.97
N ARG A 86 7.56 20.87 17.95
CA ARG A 86 6.90 19.90 18.83
C ARG A 86 7.84 19.27 19.85
N LEU A 87 9.15 19.53 19.76
CA LEU A 87 10.08 18.93 20.72
C LEU A 87 11.08 19.93 21.33
N GLY A 88 11.01 21.19 20.90
CA GLY A 88 11.86 22.23 21.44
C GLY A 88 13.27 22.28 20.86
N GLY A 89 13.42 21.82 19.62
CA GLY A 89 14.70 21.97 18.96
C GLY A 89 15.16 20.79 18.12
N TRP A 90 15.79 21.11 16.99
CA TRP A 90 16.44 20.13 16.14
C TRP A 90 17.92 20.06 16.54
N PRO A 91 18.28 19.00 17.27
CA PRO A 91 19.60 18.86 17.90
C PRO A 91 20.67 18.28 16.99
N HIS A 92 20.28 17.86 15.79
CA HIS A 92 21.20 17.09 14.95
C HIS A 92 21.87 17.92 13.87
N SER A 93 23.19 17.78 13.78
CA SER A 93 23.89 18.24 12.59
C SER A 93 23.46 17.32 11.45
N ASP A 94 23.58 17.79 10.21
CA ASP A 94 23.33 16.91 9.08
C ASP A 94 24.11 15.60 9.24
N SER A 95 25.35 15.70 9.71
CA SER A 95 26.18 14.51 9.84
C SER A 95 25.63 13.57 10.91
N GLU A 96 25.14 14.15 11.99
CA GLU A 96 24.59 13.36 13.09
C GLU A 96 23.32 12.67 12.63
N ALA A 97 22.51 13.39 11.86
CA ALA A 97 21.28 12.81 11.33
C ALA A 97 21.60 11.69 10.35
N LEU A 98 22.60 11.92 9.51
CA LEU A 98 23.05 10.87 8.61
C LEU A 98 23.48 9.63 9.42
N ASP A 99 24.19 9.84 10.52
CA ASP A 99 24.63 8.70 11.31
C ASP A 99 23.45 7.83 11.78
N ILE A 100 22.32 8.49 12.04
CA ILE A 100 21.12 7.78 12.47
C ILE A 100 20.37 7.13 11.31
N LEU A 101 20.23 7.84 10.19
CA LEU A 101 19.48 7.30 9.05
C LEU A 101 20.27 6.22 8.31
N LEU A 102 21.60 6.34 8.31
CA LEU A 102 22.45 5.41 7.61
C LEU A 102 23.67 5.10 8.46
N PRO A 103 23.47 4.28 9.50
CA PRO A 103 24.53 4.00 10.48
C PRO A 103 25.81 3.57 9.77
N ARG A 104 26.93 4.12 10.24
CA ARG A 104 28.20 3.95 9.58
C ARG A 104 28.65 2.49 9.50
N ASP A 105 28.27 1.70 10.51
CA ASP A 105 28.63 0.28 10.54
C ASP A 105 27.97 -0.51 9.40
N VAL A 106 26.91 0.03 8.83
CA VAL A 106 26.30 -0.60 7.67
C VAL A 106 26.61 0.19 6.42
N PHE A 107 26.75 1.50 6.58
CA PHE A 107 26.93 2.40 5.45
C PHE A 107 28.22 3.20 5.62
N PRO A 108 29.38 2.60 5.28
CA PRO A 108 30.65 3.32 5.43
C PRO A 108 30.71 4.45 4.42
N ARG A 109 31.35 5.58 4.75
CA ARG A 109 31.40 6.71 3.83
CA ARG A 109 31.40 6.71 3.83
C ARG A 109 32.60 7.61 4.10
N ARG A 110 33.22 8.11 3.02
CA ARG A 110 34.37 9.02 3.14
C ARG A 110 33.93 10.38 3.67
N THR A 111 32.73 10.80 3.26
CA THR A 111 32.22 12.14 3.53
C THR A 111 30.70 12.08 3.63
N ASP A 112 30.08 13.19 4.03
CA ASP A 112 28.62 13.25 4.04
C ASP A 112 28.05 13.65 2.70
N PRO A 113 27.02 12.92 2.23
CA PRO A 113 26.21 13.37 1.09
C PRO A 113 25.35 14.58 1.48
N PRO A 114 25.02 15.45 0.53
CA PRO A 114 24.01 16.47 0.84
C PRO A 114 22.75 15.78 1.43
N LEU A 115 22.29 16.25 2.59
CA LEU A 115 21.05 15.75 3.18
C LEU A 115 19.90 16.73 2.94
N HIS A 116 18.84 16.24 2.32
CA HIS A 116 17.63 17.04 2.10
C HIS A 116 16.42 16.51 2.89
N PHE A 117 15.81 17.37 3.70
CA PHE A 117 14.52 17.03 4.28
C PHE A 117 13.42 17.61 3.39
N VAL A 118 12.53 16.74 2.92
CA VAL A 118 11.45 17.19 2.05
C VAL A 118 10.12 17.20 2.83
N GLN A 119 9.33 18.24 2.66
CA GLN A 119 8.06 18.34 3.38
C GLN A 119 7.19 17.10 3.12
N HIS A 120 6.63 16.54 4.18
CA HIS A 120 5.99 15.23 4.08
C HIS A 120 4.95 15.13 2.95
N HIS A 121 4.07 16.11 2.83
CA HIS A 121 3.04 16.03 1.79
C HIS A 121 3.63 16.29 0.39
N LEU A 122 4.61 17.18 0.31
CA LEU A 122 5.33 17.37 -0.96
C LEU A 122 5.81 16.02 -1.49
N ALA A 123 6.40 15.22 -0.59
CA ALA A 123 6.93 13.90 -0.95
C ALA A 123 5.81 12.97 -1.41
N HIS A 124 4.75 12.93 -0.62
CA HIS A 124 3.53 12.25 -1.04
C HIS A 124 3.16 12.69 -2.45
N ALA A 125 3.06 14.00 -2.64
CA ALA A 125 2.64 14.55 -3.95
C ALA A 125 3.64 14.19 -5.06
N ALA A 126 4.93 14.40 -4.76
CA ALA A 126 6.02 14.04 -5.65
C ALA A 126 5.89 12.61 -6.12
N SER A 127 5.49 11.72 -5.21
CA SER A 127 5.47 10.30 -5.54
C SER A 127 4.30 9.97 -6.44
N ALA A 128 3.35 10.91 -6.54
CA ALA A 128 2.22 10.75 -7.46
C ALA A 128 2.55 11.43 -8.80
N TYR A 129 2.72 12.75 -8.77
CA TYR A 129 2.98 13.54 -9.96
C TYR A 129 4.12 12.99 -10.81
N TYR A 130 5.34 13.05 -10.27
CA TYR A 130 6.50 12.77 -11.09
C TYR A 130 6.47 11.38 -11.70
N PHE A 131 5.72 10.46 -11.08
CA PHE A 131 5.70 9.09 -11.57
C PHE A 131 4.47 8.71 -12.37
N SER A 132 3.54 9.66 -12.53
CA SER A 132 2.24 9.41 -13.19
C SER A 132 2.30 9.24 -14.70
N GLY A 133 3.35 9.78 -15.33
CA GLY A 133 3.40 9.85 -16.78
C GLY A 133 2.54 10.97 -17.36
N GLU A 134 1.85 11.71 -16.51
CA GLU A 134 1.07 12.87 -16.94
C GLU A 134 1.83 14.14 -16.55
N ASP A 135 1.72 15.19 -17.35
CA ASP A 135 2.59 16.36 -17.18
C ASP A 135 1.97 17.46 -16.34
N ARG A 136 0.70 17.30 -15.99
CA ARG A 136 -0.02 18.25 -15.14
C ARG A 136 -1.30 17.63 -14.61
N GLY A 137 -1.78 18.12 -13.47
CA GLY A 137 -3.00 17.60 -12.88
C GLY A 137 -3.27 18.23 -11.53
N ALA A 138 -4.43 17.93 -10.95
CA ALA A 138 -4.72 18.39 -9.60
C ALA A 138 -4.11 17.39 -8.62
N VAL A 139 -3.59 17.90 -7.50
CA VAL A 139 -3.02 17.02 -6.48
C VAL A 139 -3.84 17.00 -5.20
N LEU A 140 -4.31 15.80 -4.86
CA LEU A 140 -5.02 15.61 -3.60
C LEU A 140 -4.20 14.68 -2.69
N ILE A 141 -3.71 15.25 -1.59
CA ILE A 141 -2.97 14.46 -0.59
C ILE A 141 -3.83 14.28 0.66
N VAL A 142 -4.24 13.06 0.93
CA VAL A 142 -5.09 12.79 2.09
C VAL A 142 -4.49 11.73 3.00
N ASP A 143 -4.34 12.08 4.26
CA ASP A 143 -3.33 11.51 5.11
C ASP A 143 -3.77 11.21 6.55
N GLY A 144 -2.89 10.61 7.34
CA GLY A 144 -3.03 10.70 8.77
C GLY A 144 -2.68 12.13 9.13
N GLN A 145 -1.39 12.46 9.07
CA GLN A 145 -0.94 13.83 9.27
C GLN A 145 0.53 13.95 8.89
N GLY A 146 0.84 14.93 8.03
CA GLY A 146 2.22 15.33 7.82
C GLY A 146 2.72 16.04 9.06
N GLU A 147 3.55 17.07 8.88
CA GLU A 147 4.05 17.83 10.02
C GLU A 147 2.91 18.57 10.77
N GLU A 148 1.99 19.19 10.02
CA GLU A 148 0.93 19.99 10.64
C GLU A 148 -0.43 19.86 9.95
N GLU A 149 -0.45 19.21 8.79
CA GLU A 149 -1.66 19.16 7.98
C GLU A 149 -2.03 17.70 7.64
N CYS A 150 -3.31 17.48 7.35
CA CYS A 150 -3.80 16.14 7.08
C CYS A 150 -4.31 16.04 5.64
N VAL A 151 -4.44 17.20 5.01
CA VAL A 151 -4.89 17.26 3.64
C VAL A 151 -4.11 18.34 2.95
N THR A 152 -3.70 18.06 1.72
CA THR A 152 -3.06 19.08 0.91
C THR A 152 -3.63 19.04 -0.49
N LEU A 153 -4.03 20.22 -0.96
CA LEU A 153 -4.53 20.41 -2.30
C LEU A 153 -3.48 21.21 -3.04
N ALA A 154 -3.04 20.71 -4.18
CA ALA A 154 -2.00 21.43 -4.90
C ALA A 154 -2.17 21.32 -6.39
N HIS A 155 -1.42 22.17 -7.12
CA HIS A 155 -1.45 22.15 -8.56
C HIS A 155 -0.13 21.59 -9.06
N ALA A 156 -0.22 20.58 -9.91
CA ALA A 156 0.99 20.01 -10.52
C ALA A 156 1.07 20.40 -11.98
N GLU A 157 2.07 21.20 -12.33
CA GLU A 157 2.28 21.60 -13.73
C GLU A 157 3.72 22.05 -14.00
N GLY A 158 4.22 21.75 -15.20
CA GLY A 158 5.58 22.11 -15.58
C GLY A 158 6.60 21.60 -14.58
N GLY A 159 6.41 20.37 -14.09
CA GLY A 159 7.33 19.78 -13.13
C GLY A 159 7.36 20.53 -11.80
N LYS A 160 6.31 21.32 -11.55
CA LYS A 160 6.19 22.07 -10.31
C LYS A 160 4.96 21.65 -9.50
N ILE A 161 5.13 21.60 -8.19
CA ILE A 161 4.00 21.33 -7.32
C ILE A 161 3.79 22.54 -6.42
N THR A 162 2.63 23.16 -6.54
CA THR A 162 2.35 24.39 -5.81
C THR A 162 1.13 24.20 -4.92
N VAL A 163 1.28 24.51 -3.64
CA VAL A 163 0.19 24.28 -2.68
C VAL A 163 -0.88 25.35 -2.81
N LEU A 164 -2.14 24.92 -2.80
CA LEU A 164 -3.27 25.85 -2.80
C LEU A 164 -3.85 25.98 -1.39
N ASP A 165 -4.01 24.85 -0.70
CA ASP A 165 -4.51 24.85 0.68
C ASP A 165 -4.18 23.56 1.42
N THR A 166 -4.22 23.65 2.76
CA THR A 166 -4.04 22.52 3.65
C THR A 166 -5.15 22.51 4.70
N VAL A 167 -5.29 21.37 5.38
CA VAL A 167 -6.28 21.22 6.44
C VAL A 167 -5.52 20.74 7.66
N PRO A 168 -5.80 21.34 8.83
CA PRO A 168 -5.06 21.01 10.05
C PRO A 168 -5.27 19.56 10.47
N GLY A 169 -4.25 18.96 11.08
CA GLY A 169 -4.30 17.55 11.43
C GLY A 169 -5.49 17.12 12.27
N ALA A 170 -5.94 17.98 13.19
CA ALA A 170 -7.05 17.61 14.06
C ALA A 170 -8.25 17.14 13.26
N TRP A 171 -8.34 17.59 12.00
CA TRP A 171 -9.49 17.22 11.17
C TRP A 171 -9.20 16.02 10.27
N SER A 172 -8.20 15.24 10.64
CA SER A 172 -7.69 14.20 9.75
C SER A 172 -8.72 13.14 9.41
N LEU A 173 -8.85 12.88 8.12
CA LEU A 173 -9.67 11.78 7.62
C LEU A 173 -8.97 10.45 7.88
N GLY A 174 -7.63 10.45 7.79
CA GLY A 174 -6.87 9.25 8.07
C GLY A 174 -7.03 8.80 9.52
N PHE A 175 -6.88 9.76 10.43
CA PHE A 175 -7.02 9.47 11.86
C PHE A 175 -8.43 9.00 12.16
N PHE A 176 -9.42 9.72 11.61
CA PHE A 176 -10.81 9.34 11.73
C PHE A 176 -10.97 7.88 11.36
N TYR A 177 -10.58 7.55 10.13
CA TYR A 177 -10.80 6.20 9.62
C TYR A 177 -10.04 5.16 10.46
N GLU A 178 -8.83 5.50 10.88
CA GLU A 178 -8.05 4.65 11.77
C GLU A 178 -8.84 4.39 13.06
N HIS A 179 -9.25 5.48 13.70
CA HIS A 179 -9.97 5.40 14.97
C HIS A 179 -11.18 4.51 14.84
N VAL A 180 -11.93 4.64 13.76
CA VAL A 180 -13.11 3.79 13.58
C VAL A 180 -12.67 2.35 13.41
N SER A 181 -11.58 2.18 12.69
CA SER A 181 -11.00 0.86 12.48
C SER A 181 -10.59 0.22 13.81
N GLU A 182 -10.00 1.03 14.69
CA GLU A 182 -9.65 0.57 16.03
C GLU A 182 -10.93 0.27 16.85
N TYR A 183 -11.85 1.23 16.89
CA TYR A 183 -13.12 1.10 17.60
C TYR A 183 -13.84 -0.23 17.32
N THR A 184 -13.79 -0.66 16.07
CA THR A 184 -14.46 -1.89 15.65
C THR A 184 -13.71 -3.15 16.06
N GLY A 185 -12.48 -3.00 16.51
CA GLY A 185 -11.68 -4.15 16.85
C GLY A 185 -10.83 -4.67 15.70
N LEU A 186 -10.98 -4.07 14.52
CA LEU A 186 -10.13 -4.47 13.40
C LEU A 186 -8.74 -3.91 13.64
N GLY A 187 -8.67 -2.80 14.36
CA GLY A 187 -7.40 -2.18 14.71
C GLY A 187 -7.03 -1.00 13.83
N GLY A 188 -6.50 0.05 14.45
CA GLY A 188 -6.04 1.22 13.73
C GLY A 188 -4.97 0.94 12.70
N ASP A 189 -4.32 -0.23 12.79
CA ASP A 189 -3.26 -0.62 11.86
CA ASP A 189 -3.28 -0.57 11.83
C ASP A 189 -3.79 -1.46 10.70
N ASN A 190 -5.11 -1.54 10.58
CA ASN A 190 -5.71 -2.37 9.54
C ASN A 190 -6.88 -1.65 8.84
N PRO A 191 -6.67 -0.37 8.49
CA PRO A 191 -7.82 0.36 7.91
C PRO A 191 -8.35 -0.35 6.66
N GLY A 192 -7.46 -0.95 5.88
CA GLY A 192 -7.90 -1.73 4.72
C GLY A 192 -8.99 -2.74 5.09
N LYS A 193 -8.84 -3.40 6.22
CA LYS A 193 -9.89 -4.28 6.71
C LYS A 193 -11.20 -3.51 6.85
N LEU A 194 -11.16 -2.35 7.49
CA LEU A 194 -12.37 -1.53 7.63
C LEU A 194 -13.07 -1.33 6.28
N MET A 195 -12.31 -0.96 5.25
CA MET A 195 -12.85 -0.80 3.90
C MET A 195 -13.54 -2.08 3.47
N GLY A 196 -12.83 -3.20 3.59
CA GLY A 196 -13.40 -4.51 3.26
C GLY A 196 -14.72 -4.72 3.97
N LEU A 197 -14.75 -4.41 5.26
CA LEU A 197 -15.94 -4.60 6.07
C LEU A 197 -17.06 -3.65 5.66
N ALA A 198 -16.71 -2.45 5.21
CA ALA A 198 -17.75 -1.45 4.91
C ALA A 198 -18.74 -1.99 3.87
N ALA A 199 -18.23 -2.85 2.98
CA ALA A 199 -19.02 -3.40 1.88
C ALA A 199 -20.19 -4.27 2.35
N HIS A 200 -20.14 -4.68 3.62
CA HIS A 200 -21.15 -5.59 4.15
C HIS A 200 -22.18 -4.82 4.99
N GLY A 201 -21.94 -3.54 5.19
CA GLY A 201 -22.81 -2.77 6.04
C GLY A 201 -23.80 -1.91 5.27
N THR A 202 -24.67 -1.23 6.00
CA THR A 202 -25.63 -0.31 5.44
C THR A 202 -25.33 1.05 6.08
N THR A 203 -25.32 2.09 5.26
CA THR A 203 -25.10 3.44 5.78
C THR A 203 -26.39 4.13 6.14
N VAL A 204 -26.48 4.58 7.39
CA VAL A 204 -27.66 5.33 7.82
C VAL A 204 -27.45 6.83 7.69
N ASP A 205 -26.56 7.36 8.53
CA ASP A 205 -26.30 8.80 8.55
C ASP A 205 -24.81 9.00 8.30
N GLU A 206 -24.48 9.36 7.06
CA GLU A 206 -23.07 9.49 6.68
C GLU A 206 -22.34 10.66 7.34
N THR A 207 -23.07 11.48 8.10
CA THR A 207 -22.43 12.57 8.83
C THR A 207 -21.81 12.05 10.10
N LEU A 208 -22.31 10.88 10.54
CA LEU A 208 -21.99 10.35 11.84
C LEU A 208 -22.26 11.40 12.92
N SER A 209 -23.09 12.40 12.59
CA SER A 209 -23.37 13.51 13.51
C SER A 209 -22.07 14.23 13.90
N ALA A 210 -21.09 14.16 13.00
CA ALA A 210 -19.78 14.76 13.26
C ALA A 210 -19.35 15.61 12.08
N PHE A 211 -19.45 15.01 10.90
CA PHE A 211 -19.09 15.66 9.65
C PHE A 211 -20.24 16.51 9.12
N ALA A 212 -19.90 17.66 8.55
CA ALA A 212 -20.83 18.40 7.72
C ALA A 212 -20.17 18.57 6.36
N PHE A 213 -20.78 18.00 5.33
CA PHE A 213 -20.19 17.98 3.99
C PHE A 213 -20.57 19.18 3.13
N ASP A 214 -19.60 19.76 2.44
CA ASP A 214 -19.91 20.76 1.42
C ASP A 214 -19.28 20.41 0.09
N SER A 215 -19.48 21.30 -0.89
CA SER A 215 -19.04 21.06 -2.25
C SER A 215 -17.52 21.09 -2.40
N ASP A 216 -16.81 21.57 -1.39
CA ASP A 216 -15.34 21.60 -1.42
C ASP A 216 -14.70 20.58 -0.49
N GLY A 217 -15.52 19.71 0.09
CA GLY A 217 -15.01 18.72 1.01
C GLY A 217 -15.91 18.61 2.23
N TYR A 218 -15.35 18.93 3.37
CA TYR A 218 -16.03 18.67 4.62
C TYR A 218 -15.64 19.67 5.68
N ARG A 219 -16.33 19.59 6.80
CA ARG A 219 -15.87 20.22 8.02
C ARG A 219 -16.26 19.28 9.15
N LEU A 220 -15.51 19.34 10.24
CA LEU A 220 -15.68 18.41 11.34
C LEU A 220 -15.93 19.21 12.61
N ASN A 221 -17.18 19.34 13.00
CA ASN A 221 -17.53 20.17 14.14
C ASN A 221 -17.33 19.42 15.45
N LEU A 222 -17.02 18.14 15.33
CA LEU A 222 -16.68 17.33 16.49
C LEU A 222 -15.40 17.83 17.20
N ILE A 223 -14.48 18.40 16.44
CA ILE A 223 -13.22 18.81 17.05
C ILE A 223 -12.75 20.18 16.57
N ASP A 224 -12.22 20.95 17.50
CA ASP A 224 -11.66 22.25 17.16
C ASP A 224 -10.45 21.98 16.26
N PRO A 225 -10.50 22.49 15.02
CA PRO A 225 -9.48 22.23 14.00
C PRO A 225 -8.07 22.63 14.43
N GLN A 226 -7.97 23.48 15.44
CA GLN A 226 -6.67 23.98 15.87
C GLN A 226 -6.19 23.28 17.13
N ALA A 227 -6.78 22.12 17.41
CA ALA A 227 -6.42 21.35 18.58
C ALA A 227 -5.11 20.63 18.35
N ARG A 228 -4.08 21.05 19.06
CA ARG A 228 -2.77 20.42 18.99
C ARG A 228 -2.61 19.49 20.19
N ASP A 229 -2.01 18.33 19.97
CA ASP A 229 -1.45 17.58 21.07
C ASP A 229 0.02 18.05 21.12
N PRO A 230 0.29 19.02 22.01
CA PRO A 230 1.60 19.68 22.04
C PRO A 230 2.70 18.71 22.46
N GLU A 231 2.35 17.71 23.26
CA GLU A 231 3.28 16.65 23.66
C GLU A 231 3.91 15.97 22.45
N ASP A 232 3.08 15.28 21.67
CA ASP A 232 3.54 14.58 20.48
C ASP A 232 3.70 15.53 19.31
N TRP A 233 3.89 14.97 18.12
CA TRP A 233 4.05 15.78 16.91
C TRP A 233 3.05 15.40 15.82
N ASP A 234 2.01 14.68 16.23
CA ASP A 234 0.80 14.49 15.44
C ASP A 234 -0.38 14.64 16.41
N GLU A 235 -1.58 14.82 15.86
CA GLU A 235 -2.76 15.07 16.67
C GLU A 235 -3.54 13.77 16.89
N TYR A 236 -2.86 12.63 16.79
CA TYR A 236 -3.48 11.32 16.90
C TYR A 236 -4.22 11.13 18.22
N SER A 237 -3.55 11.43 19.32
CA SER A 237 -4.16 11.22 20.64
C SER A 237 -5.42 12.06 20.80
N VAL A 238 -5.31 13.34 20.44
CA VAL A 238 -6.43 14.27 20.54
C VAL A 238 -7.63 13.78 19.74
N THR A 239 -7.37 13.41 18.48
CA THR A 239 -8.46 12.94 17.62
C THR A 239 -8.99 11.61 18.13
N GLU A 240 -8.09 10.80 18.70
CA GLU A 240 -8.51 9.50 19.23
C GLU A 240 -9.53 9.62 20.37
N ARG A 241 -9.27 10.51 21.35
CA ARG A 241 -10.24 10.75 22.42
C ARG A 241 -11.57 11.27 21.85
N ALA A 242 -11.51 12.29 21.01
CA ALA A 242 -12.70 12.93 20.47
C ALA A 242 -13.56 11.92 19.74
N TRP A 243 -12.92 11.15 18.87
CA TRP A 243 -13.66 10.18 18.09
C TRP A 243 -14.20 9.03 18.93
N PHE A 244 -13.40 8.49 19.84
CA PHE A 244 -13.87 7.36 20.66
C PHE A 244 -15.05 7.72 21.57
N ALA A 245 -15.00 8.91 22.17
CA ALA A 245 -16.11 9.36 23.02
C ALA A 245 -17.35 9.63 22.16
N HIS A 246 -17.13 10.25 21.01
CA HIS A 246 -18.24 10.57 20.12
C HIS A 246 -18.93 9.30 19.59
N LEU A 247 -18.14 8.37 19.05
CA LEU A 247 -18.71 7.13 18.55
C LEU A 247 -19.51 6.38 19.63
N GLU A 248 -19.02 6.38 20.87
CA GLU A 248 -19.70 5.65 21.92
C GLU A 248 -21.06 6.31 22.22
N ARG A 249 -21.13 7.62 22.00
CA ARG A 249 -22.35 8.38 22.20
C ARG A 249 -23.41 8.04 21.14
N ILE A 250 -23.02 8.10 19.87
CA ILE A 250 -23.98 8.00 18.77
C ILE A 250 -24.16 6.59 18.19
N TYR A 251 -23.28 5.65 18.52
CA TYR A 251 -23.41 4.31 17.93
C TYR A 251 -23.86 3.24 18.93
N ARG A 252 -24.73 2.34 18.47
CA ARG A 252 -25.35 1.38 19.38
C ARG A 252 -24.33 0.47 20.08
N LEU A 253 -23.20 0.19 19.42
CA LEU A 253 -22.18 -0.63 20.05
C LEU A 253 -21.09 0.22 20.70
N PRO A 254 -20.62 -0.19 21.89
CA PRO A 254 -19.46 0.51 22.48
C PRO A 254 -18.16 0.08 21.79
N PRO A 255 -17.02 0.70 22.14
CA PRO A 255 -15.74 0.27 21.57
C PRO A 255 -15.59 -1.25 21.69
N ASN A 256 -15.18 -1.92 20.62
CA ASN A 256 -14.84 -3.33 20.76
C ASN A 256 -13.53 -3.39 21.56
N GLU A 257 -13.35 -4.42 22.38
CA GLU A 257 -12.12 -4.49 23.18
C GLU A 257 -11.26 -5.67 22.78
N PHE A 258 -9.95 -5.54 22.96
CA PHE A 258 -9.05 -6.64 22.67
C PHE A 258 -8.92 -7.54 23.88
N VAL A 259 -8.87 -8.85 23.60
CA VAL A 259 -8.89 -9.87 24.63
C VAL A 259 -7.59 -10.68 24.48
N ARG A 260 -6.82 -10.75 25.55
CA ARG A 260 -5.52 -11.44 25.53
CA ARG A 260 -5.54 -11.43 25.52
C ARG A 260 -5.56 -12.61 26.51
N ARG A 261 -5.63 -13.83 25.98
CA ARG A 261 -5.70 -14.98 26.85
C ARG A 261 -4.76 -16.08 26.41
N TYR A 262 -4.39 -16.94 27.34
CA TYR A 262 -3.56 -18.07 26.98
C TYR A 262 -4.40 -19.06 26.21
N ASP A 263 -3.98 -19.39 25.00
CA ASP A 263 -4.63 -20.41 24.20
C ASP A 263 -3.83 -21.70 24.30
N PRO A 264 -4.33 -22.65 25.10
CA PRO A 264 -3.59 -23.92 25.25
C PRO A 264 -3.34 -24.65 23.93
N ALA A 265 -4.14 -24.37 22.91
CA ALA A 265 -3.94 -25.01 21.61
C ALA A 265 -2.69 -24.51 20.89
N LYS A 266 -2.39 -23.23 21.07
CA LYS A 266 -1.26 -22.60 20.41
C LYS A 266 -0.07 -22.39 21.35
N GLY A 267 -0.32 -22.49 22.64
CA GLY A 267 0.74 -22.41 23.64
C GLY A 267 1.24 -21.00 23.88
N ARG A 268 0.35 -20.02 23.73
CA ARG A 268 0.73 -18.64 23.98
C ARG A 268 -0.48 -17.78 24.26
N VAL A 269 -0.21 -16.56 24.73
CA VAL A 269 -1.25 -15.58 24.85
C VAL A 269 -1.52 -15.05 23.45
N VAL A 270 -2.78 -15.18 23.00
CA VAL A 270 -3.17 -14.68 21.70
C VAL A 270 -4.10 -13.50 21.90
N ARG A 271 -4.01 -12.50 21.04
CA ARG A 271 -4.95 -11.38 21.10
C ARG A 271 -6.19 -11.69 20.26
N ASP A 272 -7.35 -11.37 20.79
CA ASP A 272 -8.61 -11.61 20.09
C ASP A 272 -9.47 -10.39 20.31
N THR A 273 -10.73 -10.43 19.88
CA THR A 273 -11.63 -9.32 20.15
C THR A 273 -12.84 -9.79 20.93
N ARG A 274 -13.32 -8.93 21.83
CA ARG A 274 -14.48 -9.30 22.65
C ARG A 274 -15.70 -9.56 21.78
N ARG A 275 -16.03 -8.61 20.92
CA ARG A 275 -17.10 -8.81 19.94
C ARG A 275 -16.51 -9.14 18.56
N ASP A 276 -17.33 -9.75 17.71
CA ASP A 276 -16.99 -9.98 16.30
C ASP A 276 -17.07 -8.63 15.56
N PRO A 277 -15.99 -8.23 14.88
CA PRO A 277 -16.03 -6.92 14.22
C PRO A 277 -17.09 -6.82 13.12
N TYR A 278 -17.50 -7.97 12.59
CA TYR A 278 -18.64 -7.99 11.65
C TYR A 278 -19.88 -7.24 12.19
N GLU A 279 -20.16 -7.41 13.49
CA GLU A 279 -21.24 -6.67 14.14
C GLU A 279 -21.21 -5.17 13.85
N TYR A 280 -20.01 -4.64 13.58
CA TYR A 280 -19.86 -3.20 13.38
C TYR A 280 -20.02 -2.78 11.92
N ARG A 281 -20.40 -3.72 11.05
CA ARG A 281 -20.42 -3.45 9.61
C ARG A 281 -21.15 -2.15 9.21
N ASP A 282 -22.30 -1.89 9.80
CA ASP A 282 -23.00 -0.64 9.46
C ASP A 282 -22.15 0.56 9.84
N LEU A 283 -21.35 0.44 10.91
CA LEU A 283 -20.52 1.58 11.29
C LEU A 283 -19.40 1.73 10.28
N ALA A 284 -18.91 0.61 9.76
CA ALA A 284 -17.88 0.67 8.72
C ALA A 284 -18.43 1.35 7.47
N ALA A 285 -19.54 0.80 6.95
CA ALA A 285 -20.23 1.37 5.79
C ALA A 285 -20.32 2.87 5.95
N THR A 286 -20.72 3.30 7.13
CA THR A 286 -20.98 4.72 7.39
C THR A 286 -19.72 5.54 7.39
N ALA A 287 -18.68 4.97 7.99
CA ALA A 287 -17.36 5.61 7.99
C ALA A 287 -16.83 5.69 6.55
N GLN A 288 -16.88 4.58 5.84
CA GLN A 288 -16.51 4.55 4.42
C GLN A 288 -17.21 5.65 3.62
N ALA A 289 -18.55 5.71 3.77
CA ALA A 289 -19.34 6.68 3.05
C ALA A 289 -18.95 8.11 3.45
N ALA A 290 -18.72 8.34 4.74
CA ALA A 290 -18.34 9.66 5.19
C ALA A 290 -16.99 10.05 4.57
N LEU A 291 -16.10 9.08 4.44
CA LEU A 291 -14.75 9.33 3.91
C LEU A 291 -14.89 9.70 2.44
N GLU A 292 -15.62 8.87 1.70
CA GLU A 292 -15.86 9.11 0.29
C GLU A 292 -16.42 10.49 0.05
N ARG A 293 -17.48 10.82 0.78
CA ARG A 293 -18.19 12.09 0.62
C ARG A 293 -17.22 13.25 0.81
N ALA A 294 -16.46 13.20 1.91
CA ALA A 294 -15.49 14.25 2.22
C ALA A 294 -14.46 14.35 1.11
N VAL A 295 -14.05 13.19 0.60
CA VAL A 295 -12.98 13.12 -0.38
C VAL A 295 -13.48 13.58 -1.75
N PHE A 296 -14.73 13.24 -2.08
CA PHE A 296 -15.36 13.73 -3.33
C PHE A 296 -15.33 15.25 -3.35
N GLY A 297 -15.73 15.86 -2.25
CA GLY A 297 -15.68 17.31 -2.11
C GLY A 297 -14.29 17.86 -2.39
N LEU A 298 -13.30 17.34 -1.67
CA LEU A 298 -11.92 17.78 -1.83
C LEU A 298 -11.43 17.65 -3.26
N ALA A 299 -11.70 16.50 -3.88
CA ALA A 299 -11.28 16.25 -5.25
C ALA A 299 -11.90 17.30 -6.18
N ASP A 300 -13.23 17.42 -6.16
CA ASP A 300 -13.92 18.41 -6.99
C ASP A 300 -13.29 19.78 -6.78
N SER A 301 -13.04 20.12 -5.53
CA SER A 301 -12.54 21.44 -5.19
C SER A 301 -11.18 21.74 -5.83
N VAL A 302 -10.21 20.85 -5.65
CA VAL A 302 -8.88 21.07 -6.24
C VAL A 302 -8.89 20.98 -7.77
N LEU A 303 -9.64 20.01 -8.32
CA LEU A 303 -9.83 19.91 -9.76
C LEU A 303 -10.32 21.24 -10.37
N ALA A 304 -11.38 21.78 -9.80
CA ALA A 304 -11.94 23.04 -10.29
C ALA A 304 -11.04 24.25 -10.01
N ARG A 305 -10.34 24.27 -8.86
CA ARG A 305 -9.45 25.39 -8.53
C ARG A 305 -8.24 25.46 -9.48
N THR A 306 -7.94 24.34 -10.13
CA THR A 306 -6.76 24.24 -10.97
C THR A 306 -7.18 24.10 -12.42
N GLY A 307 -8.43 23.71 -12.62
CA GLY A 307 -8.95 23.54 -13.97
C GLY A 307 -8.29 22.36 -14.65
N GLU A 308 -7.95 21.34 -13.86
CA GLU A 308 -7.41 20.13 -14.42
C GLU A 308 -8.51 19.08 -14.45
N ARG A 309 -8.31 18.05 -15.28
CA ARG A 309 -9.23 16.93 -15.27
C ARG A 309 -8.47 15.64 -14.98
N THR A 310 -7.16 15.79 -14.75
CA THR A 310 -6.35 14.69 -14.27
C THR A 310 -6.13 14.83 -12.76
N LEU A 311 -6.44 13.77 -12.03
CA LEU A 311 -6.29 13.81 -10.57
C LEU A 311 -5.16 12.91 -10.04
N PHE A 312 -4.33 13.49 -9.18
CA PHE A 312 -3.27 12.75 -8.48
C PHE A 312 -3.63 12.58 -7.02
N VAL A 313 -3.56 11.35 -6.52
CA VAL A 313 -3.87 11.14 -5.12
C VAL A 313 -2.77 10.38 -4.41
N ALA A 314 -2.38 10.91 -3.25
CA ALA A 314 -1.45 10.19 -2.39
C ALA A 314 -1.72 10.56 -0.93
N GLY A 315 -0.94 9.96 -0.03
CA GLY A 315 -1.27 9.95 1.39
C GLY A 315 -2.01 8.64 1.63
N GLY A 316 -1.95 8.13 2.86
CA GLY A 316 -2.43 6.78 3.15
C GLY A 316 -3.90 6.56 2.79
N VAL A 317 -4.71 7.61 2.87
CA VAL A 317 -6.10 7.45 2.49
C VAL A 317 -6.17 7.07 1.02
N GLY A 318 -5.14 7.44 0.28
CA GLY A 318 -5.03 7.06 -1.11
C GLY A 318 -5.07 5.56 -1.36
N LEU A 319 -4.90 4.77 -0.30
CA LEU A 319 -4.94 3.31 -0.45
C LEU A 319 -6.37 2.77 -0.53
N ASN A 320 -7.35 3.63 -0.29
CA ASN A 320 -8.74 3.20 -0.27
C ASN A 320 -9.27 3.04 -1.69
N ALA A 321 -9.01 1.87 -2.28
CA ALA A 321 -9.36 1.59 -3.65
C ALA A 321 -10.85 1.79 -3.87
N THR A 322 -11.64 1.45 -2.87
CA THR A 322 -13.09 1.57 -3.02
C THR A 322 -13.46 3.04 -3.28
N MET A 323 -12.80 3.95 -2.57
CA MET A 323 -13.08 5.37 -2.71
C MET A 323 -12.49 5.87 -4.02
N ASN A 324 -11.35 5.31 -4.41
CA ASN A 324 -10.69 5.73 -5.64
C ASN A 324 -11.54 5.37 -6.87
N GLY A 325 -12.06 4.15 -6.88
CA GLY A 325 -12.91 3.70 -7.98
C GLY A 325 -14.03 4.70 -8.26
N LYS A 326 -14.63 5.22 -7.19
CA LYS A 326 -15.72 6.18 -7.29
C LYS A 326 -15.24 7.57 -7.72
N LEU A 327 -14.04 7.96 -7.30
CA LEU A 327 -13.43 9.19 -7.78
C LEU A 327 -13.28 9.15 -9.30
N LEU A 328 -12.89 7.99 -9.78
CA LEU A 328 -12.58 7.77 -11.20
C LEU A 328 -13.81 7.98 -12.08
N THR A 329 -14.96 7.55 -11.56
CA THR A 329 -16.21 7.59 -12.32
C THR A 329 -16.92 8.93 -12.15
N ARG A 330 -16.33 9.85 -11.38
CA ARG A 330 -16.94 11.15 -11.18
C ARG A 330 -16.89 11.99 -12.45
N SER A 331 -17.85 12.89 -12.60
CA SER A 331 -17.92 13.74 -13.76
C SER A 331 -16.78 14.74 -13.78
N THR A 332 -16.18 14.99 -12.63
CA THR A 332 -15.10 15.98 -12.54
C THR A 332 -13.75 15.39 -12.90
N VAL A 333 -13.72 14.08 -13.15
CA VAL A 333 -12.48 13.33 -13.34
C VAL A 333 -12.42 12.65 -14.72
N ASP A 334 -11.35 12.94 -15.47
CA ASP A 334 -11.06 12.23 -16.73
C ASP A 334 -10.04 11.13 -16.51
N LYS A 335 -8.92 11.52 -15.92
CA LYS A 335 -7.87 10.55 -15.62
C LYS A 335 -7.40 10.64 -14.20
N MET A 336 -6.91 9.50 -13.73
CA MET A 336 -6.51 9.39 -12.35
C MET A 336 -5.21 8.61 -12.24
N PHE A 337 -4.28 9.15 -11.46
CA PHE A 337 -3.12 8.35 -11.04
C PHE A 337 -2.92 8.38 -9.54
N VAL A 338 -2.87 7.18 -8.98
CA VAL A 338 -2.47 6.98 -7.60
C VAL A 338 -1.39 5.91 -7.55
N PRO A 339 -0.22 6.24 -6.98
CA PRO A 339 0.93 5.33 -7.01
C PRO A 339 0.69 4.20 -6.02
N PRO A 340 1.27 3.02 -6.26
CA PRO A 340 1.10 1.88 -5.34
C PRO A 340 1.69 2.17 -3.95
N VAL A 341 2.52 3.21 -3.87
CA VAL A 341 3.09 3.64 -2.60
C VAL A 341 2.45 4.94 -2.08
N ALA A 342 1.12 5.00 -2.07
CA ALA A 342 0.41 6.21 -1.61
C ALA A 342 0.66 6.53 -0.12
N SER A 343 0.78 5.48 0.67
CA SER A 343 1.06 5.64 2.09
C SER A 343 2.50 6.12 2.28
N ASP A 344 2.93 6.21 3.53
CA ASP A 344 4.24 6.74 3.86
C ASP A 344 5.42 5.98 3.27
N ILE A 345 5.26 4.68 3.02
CA ILE A 345 6.35 3.99 2.35
C ILE A 345 6.78 4.77 1.12
N GLY A 346 5.84 5.53 0.55
CA GLY A 346 6.06 6.19 -0.72
C GLY A 346 6.82 7.48 -0.63
N VAL A 347 6.97 7.99 0.59
CA VAL A 347 7.59 9.30 0.77
C VAL A 347 9.11 9.24 0.76
N SER A 348 9.68 8.04 0.70
CA SER A 348 11.12 7.96 0.48
C SER A 348 11.32 8.26 -1.00
N LEU A 349 10.51 7.62 -1.83
CA LEU A 349 10.57 7.81 -3.26
C LEU A 349 10.21 9.25 -3.62
N GLY A 350 9.14 9.76 -3.03
CA GLY A 350 8.75 11.14 -3.24
C GLY A 350 9.84 12.12 -2.86
N ALA A 351 10.47 11.91 -1.71
CA ALA A 351 11.53 12.81 -1.31
C ALA A 351 12.64 12.76 -2.35
N ALA A 352 12.96 11.55 -2.80
CA ALA A 352 14.03 11.37 -3.77
C ALA A 352 13.68 12.10 -5.07
N ALA A 353 12.46 11.93 -5.55
CA ALA A 353 12.03 12.53 -6.79
C ALA A 353 12.12 14.05 -6.68
N ALA A 354 11.62 14.59 -5.58
CA ALA A 354 11.62 16.03 -5.40
C ALA A 354 13.05 16.51 -5.54
N VAL A 355 13.95 15.85 -4.82
CA VAL A 355 15.33 16.28 -4.88
C VAL A 355 15.92 16.11 -6.28
N ALA A 356 15.67 14.97 -6.91
CA ALA A 356 16.23 14.70 -8.23
C ALA A 356 15.75 15.76 -9.23
N VAL A 357 14.48 16.13 -9.11
CA VAL A 357 13.90 17.15 -9.97
C VAL A 357 14.59 18.48 -9.70
N GLU A 358 14.80 18.78 -8.42
CA GLU A 358 15.49 19.99 -8.02
C GLU A 358 16.94 20.00 -8.55
N LEU A 359 17.48 18.81 -8.84
CA LEU A 359 18.85 18.67 -9.36
C LEU A 359 18.92 18.51 -10.88
N GLY A 360 17.78 18.78 -11.55
CA GLY A 360 17.74 18.81 -12.99
C GLY A 360 17.35 17.53 -13.71
N ASP A 361 17.01 16.49 -12.94
CA ASP A 361 16.60 15.23 -13.58
C ASP A 361 15.16 15.26 -14.05
N ARG A 362 14.86 14.40 -15.03
CA ARG A 362 13.50 14.09 -15.42
C ARG A 362 13.17 12.75 -14.79
N ILE A 363 12.00 12.65 -14.18
CA ILE A 363 11.59 11.41 -13.53
C ILE A 363 10.78 10.57 -14.52
N ALA A 364 11.25 9.36 -14.83
CA ALA A 364 10.49 8.47 -15.70
C ALA A 364 9.20 8.00 -14.99
N PRO A 365 8.18 7.61 -15.78
CA PRO A 365 6.92 7.12 -15.19
C PRO A 365 7.14 5.72 -14.60
N MET A 366 6.32 5.29 -13.63
CA MET A 366 6.49 3.96 -13.07
C MET A 366 6.21 2.91 -14.12
N GLY A 367 5.21 3.19 -14.95
CA GLY A 367 4.90 2.34 -16.08
C GLY A 367 4.42 0.94 -15.72
N ASP A 368 3.33 0.86 -14.98
CA ASP A 368 2.57 -0.38 -14.90
C ASP A 368 3.31 -1.53 -14.24
N THR A 369 4.20 -1.20 -13.31
CA THR A 369 4.84 -2.22 -12.50
C THR A 369 5.33 -1.58 -11.22
N ALA A 370 5.37 -2.38 -10.14
CA ALA A 370 5.92 -1.91 -8.89
C ALA A 370 6.99 -2.85 -8.40
N ALA A 371 7.54 -3.64 -9.33
CA ALA A 371 8.51 -4.68 -8.96
C ALA A 371 9.94 -4.11 -8.87
N TRP A 372 10.21 -3.43 -7.77
CA TRP A 372 11.49 -2.75 -7.59
C TRP A 372 12.30 -3.30 -6.42
N GLY A 373 11.81 -4.37 -5.82
CA GLY A 373 12.48 -4.94 -4.67
C GLY A 373 13.46 -6.01 -5.10
N PRO A 374 14.01 -6.73 -4.11
CA PRO A 374 15.03 -7.75 -4.38
C PRO A 374 14.48 -8.87 -5.25
N GLU A 375 15.36 -9.46 -6.05
CA GLU A 375 15.02 -10.67 -6.80
C GLU A 375 16.15 -11.66 -6.52
N PHE A 376 15.97 -12.91 -6.92
CA PHE A 376 16.97 -13.90 -6.58
C PHE A 376 17.23 -14.82 -7.73
N SER A 377 18.51 -15.05 -7.96
CA SER A 377 18.95 -15.97 -8.99
C SER A 377 18.44 -17.36 -8.64
N PRO A 378 18.31 -18.21 -9.66
CA PRO A 378 18.05 -19.63 -9.53
C PRO A 378 19.00 -20.31 -8.54
N ASP A 379 20.29 -19.96 -8.59
CA ASP A 379 21.25 -20.55 -7.65
C ASP A 379 20.88 -20.18 -6.22
N GLN A 380 20.50 -18.92 -6.03
CA GLN A 380 20.07 -18.44 -4.72
C GLN A 380 18.79 -19.16 -4.25
N VAL A 381 17.83 -19.31 -5.14
CA VAL A 381 16.63 -20.05 -4.78
C VAL A 381 16.99 -21.49 -4.42
N ARG A 382 17.82 -22.12 -5.24
CA ARG A 382 18.30 -23.48 -4.95
C ARG A 382 18.94 -23.58 -3.57
N ALA A 383 19.74 -22.58 -3.23
CA ALA A 383 20.37 -22.56 -1.92
C ALA A 383 19.33 -22.60 -0.82
N ALA A 384 18.27 -21.80 -0.98
CA ALA A 384 17.18 -21.80 -0.01
C ALA A 384 16.43 -23.13 -0.02
N LEU A 385 16.22 -23.70 -1.21
CA LEU A 385 15.55 -24.99 -1.32
C LEU A 385 16.37 -26.08 -0.68
N ASP A 386 17.64 -26.14 -1.05
CA ASP A 386 18.52 -27.22 -0.59
C ASP A 386 18.72 -27.14 0.91
N ARG A 387 18.45 -25.97 1.47
CA ARG A 387 18.52 -25.79 2.93
C ARG A 387 17.41 -26.58 3.62
N THR A 388 16.24 -26.65 2.98
CA THR A 388 15.05 -27.23 3.58
C THR A 388 14.98 -28.75 3.46
N GLY A 389 15.80 -29.31 2.57
CA GLY A 389 15.76 -30.75 2.33
C GLY A 389 14.47 -31.17 1.66
N LEU A 390 13.83 -30.26 0.95
CA LEU A 390 12.60 -30.56 0.24
C LEU A 390 12.89 -30.96 -1.20
N ALA A 391 12.02 -31.79 -1.77
CA ALA A 391 12.16 -32.24 -3.14
C ALA A 391 11.45 -31.25 -4.04
N TYR A 392 12.03 -30.94 -5.18
CA TYR A 392 11.42 -29.95 -6.05
C TYR A 392 11.77 -30.22 -7.50
N ARG A 393 10.91 -29.76 -8.39
CA ARG A 393 11.12 -29.97 -9.80
C ARG A 393 11.50 -28.68 -10.49
N GLU A 394 12.09 -28.79 -11.67
CA GLU A 394 12.33 -27.64 -12.52
C GLU A 394 11.58 -27.81 -13.83
N PRO A 395 10.30 -27.44 -13.83
CA PRO A 395 9.41 -27.69 -14.97
C PRO A 395 9.94 -27.10 -16.26
N ALA A 396 9.91 -27.89 -17.32
CA ALA A 396 10.13 -27.38 -18.67
C ALA A 396 9.33 -26.10 -18.88
N ASN A 397 8.03 -26.18 -18.66
CA ASN A 397 7.17 -25.00 -18.81
C ASN A 397 6.44 -24.66 -17.50
N LEU A 398 7.11 -23.91 -16.64
CA LEU A 398 6.55 -23.56 -15.35
C LEU A 398 5.23 -22.81 -15.50
N GLU A 399 5.20 -21.82 -16.38
CA GLU A 399 4.03 -20.94 -16.47
C GLU A 399 2.79 -21.72 -16.89
N ARG A 400 2.99 -22.80 -17.63
CA ARG A 400 1.89 -23.66 -18.06
C ARG A 400 1.41 -24.57 -16.92
N GLU A 401 2.37 -25.16 -16.22
CA GLU A 401 2.04 -26.05 -15.09
C GLU A 401 1.31 -25.30 -13.98
N VAL A 402 1.79 -24.08 -13.71
CA VAL A 402 1.16 -23.24 -12.71
C VAL A 402 -0.27 -22.90 -13.14
N ALA A 403 -0.42 -22.55 -14.41
CA ALA A 403 -1.74 -22.27 -14.97
C ALA A 403 -2.66 -23.48 -14.79
N ALA A 404 -2.16 -24.68 -15.07
CA ALA A 404 -2.99 -25.89 -14.92
C ALA A 404 -3.42 -26.11 -13.46
N LEU A 405 -2.49 -25.93 -12.52
CA LEU A 405 -2.82 -26.06 -11.10
C LEU A 405 -3.93 -25.08 -10.74
N ILE A 406 -3.75 -23.83 -11.16
CA ILE A 406 -4.73 -22.81 -10.89
C ILE A 406 -6.09 -23.19 -11.47
N ALA A 407 -6.12 -23.58 -12.74
CA ALA A 407 -7.37 -23.99 -13.38
C ALA A 407 -8.06 -25.15 -12.64
N SER A 408 -7.28 -26.01 -11.99
CA SER A 408 -7.85 -27.16 -11.28
C SER A 408 -8.37 -26.78 -9.88
N GLY A 409 -8.32 -25.50 -9.55
CA GLY A 409 -8.78 -25.05 -8.24
C GLY A 409 -7.75 -25.15 -7.12
N LYS A 410 -6.48 -25.37 -7.47
CA LYS A 410 -5.41 -25.39 -6.47
C LYS A 410 -4.85 -24.00 -6.19
N VAL A 411 -4.27 -23.83 -5.01
CA VAL A 411 -3.71 -22.55 -4.61
C VAL A 411 -2.18 -22.60 -4.77
N VAL A 412 -1.65 -21.65 -5.53
CA VAL A 412 -0.22 -21.68 -5.85
C VAL A 412 0.54 -20.44 -5.42
N GLY A 413 1.50 -20.63 -4.51
CA GLY A 413 2.40 -19.55 -4.15
C GLY A 413 3.30 -19.24 -5.35
N TRP A 414 3.50 -17.95 -5.60
CA TRP A 414 4.17 -17.47 -6.78
C TRP A 414 5.20 -16.44 -6.35
N ALA A 415 6.48 -16.83 -6.39
CA ALA A 415 7.55 -15.93 -5.93
C ALA A 415 8.55 -15.76 -7.07
N GLN A 416 8.39 -14.68 -7.83
CA GLN A 416 9.18 -14.49 -9.03
C GLN A 416 9.74 -13.08 -9.15
N GLY A 417 10.93 -12.98 -9.75
CA GLY A 417 11.51 -11.68 -10.04
C GLY A 417 11.57 -10.78 -8.82
N ARG A 418 11.48 -9.48 -9.06
CA ARG A 418 11.71 -8.49 -8.02
C ARG A 418 10.46 -8.20 -7.21
N GLY A 419 10.60 -8.27 -5.88
CA GLY A 419 9.46 -7.99 -5.01
C GLY A 419 8.75 -6.71 -5.42
N GLU A 420 7.41 -6.74 -5.41
CA GLU A 420 6.64 -5.50 -5.59
C GLU A 420 6.70 -4.65 -4.32
N VAL A 421 6.43 -3.34 -4.47
CA VAL A 421 6.43 -2.44 -3.34
CA VAL A 421 6.42 -2.44 -3.33
C VAL A 421 4.98 -1.98 -3.03
N GLY A 422 4.68 -1.78 -1.75
CA GLY A 422 3.34 -1.41 -1.32
C GLY A 422 2.60 -2.61 -0.76
N PRO A 423 1.38 -2.39 -0.28
CA PRO A 423 0.61 -3.41 0.45
C PRO A 423 0.05 -4.50 -0.46
N ARG A 424 0.05 -4.28 -1.77
CA ARG A 424 -0.62 -5.20 -2.69
C ARG A 424 0.31 -6.13 -3.42
N ALA A 425 0.01 -7.43 -3.35
CA ALA A 425 0.73 -8.38 -4.18
C ALA A 425 0.33 -8.16 -5.65
N LEU A 426 1.31 -8.06 -6.53
CA LEU A 426 1.05 -7.81 -7.94
C LEU A 426 1.72 -8.83 -8.83
N GLY A 427 1.77 -10.07 -8.37
CA GLY A 427 2.33 -11.13 -9.17
C GLY A 427 3.84 -11.28 -9.13
N GLN A 428 4.47 -10.72 -8.09
CA GLN A 428 5.88 -11.00 -7.81
C GLN A 428 5.97 -11.85 -6.54
N ARG A 429 5.08 -11.56 -5.59
CA ARG A 429 4.94 -12.34 -4.37
C ARG A 429 3.47 -12.58 -4.05
N SER A 430 2.83 -13.47 -4.81
CA SER A 430 1.39 -13.64 -4.73
C SER A 430 0.96 -15.07 -4.45
N LEU A 431 -0.16 -15.21 -3.76
CA LEU A 431 -0.89 -16.48 -3.71
C LEU A 431 -1.95 -16.43 -4.81
N LEU A 432 -1.93 -17.43 -5.68
CA LEU A 432 -2.79 -17.44 -6.86
C LEU A 432 -3.85 -18.54 -6.76
N GLY A 433 -5.05 -18.25 -7.26
CA GLY A 433 -6.10 -19.26 -7.29
C GLY A 433 -7.11 -18.95 -8.39
N SER A 434 -8.07 -19.85 -8.59
CA SER A 434 -9.05 -19.65 -9.66
C SER A 434 -9.95 -18.45 -9.40
N ALA A 435 -10.04 -17.55 -10.39
CA ALA A 435 -11.01 -16.47 -10.31
C ALA A 435 -12.42 -17.03 -10.61
N HIS A 436 -12.46 -18.27 -11.07
CA HIS A 436 -13.70 -18.87 -11.57
C HIS A 436 -14.45 -19.70 -10.54
N SER A 437 -13.74 -20.14 -9.50
CA SER A 437 -14.35 -20.99 -8.47
C SER A 437 -15.22 -20.20 -7.52
N PRO A 438 -16.43 -20.72 -7.24
CA PRO A 438 -17.43 -20.11 -6.33
C PRO A 438 -17.14 -20.47 -4.87
N THR A 439 -16.12 -21.30 -4.64
CA THR A 439 -15.77 -21.76 -3.31
C THR A 439 -14.37 -21.28 -2.93
N MET A 440 -13.64 -20.75 -3.91
CA MET A 440 -12.26 -20.37 -3.70
C MET A 440 -12.12 -19.30 -2.62
N ARG A 441 -13.03 -18.32 -2.62
CA ARG A 441 -12.99 -17.25 -1.65
C ARG A 441 -13.03 -17.79 -0.23
N ASP A 442 -13.95 -18.70 0.06
CA ASP A 442 -14.04 -19.27 1.41
C ASP A 442 -12.84 -20.15 1.70
N HIS A 443 -12.34 -20.81 0.66
CA HIS A 443 -11.23 -21.73 0.83
C HIS A 443 -10.02 -20.94 1.32
N ILE A 444 -9.64 -19.93 0.56
CA ILE A 444 -8.46 -19.14 0.89
C ILE A 444 -8.64 -18.43 2.22
N ASN A 445 -9.77 -17.74 2.40
CA ASN A 445 -10.07 -17.06 3.66
C ASN A 445 -9.96 -17.96 4.90
N LEU A 446 -10.66 -19.08 4.88
CA LEU A 446 -10.86 -19.84 6.11
C LEU A 446 -9.88 -20.98 6.26
N ARG A 447 -9.60 -21.66 5.16
CA ARG A 447 -8.77 -22.85 5.21
C ARG A 447 -7.29 -22.49 5.04
N VAL A 448 -6.99 -21.58 4.13
CA VAL A 448 -5.60 -21.21 3.80
C VAL A 448 -4.99 -20.10 4.67
N LYS A 449 -5.50 -18.88 4.57
CA LYS A 449 -4.99 -17.75 5.37
C LYS A 449 -5.61 -17.64 6.76
N ASP A 450 -6.62 -18.46 7.03
CA ASP A 450 -7.29 -18.42 8.33
C ASP A 450 -7.63 -16.99 8.73
N ARG A 451 -8.19 -16.23 7.79
CA ARG A 451 -8.61 -14.87 8.08
C ARG A 451 -10.15 -14.76 8.03
N GLU A 452 -10.68 -13.54 7.97
CA GLU A 452 -12.14 -13.34 8.14
C GLU A 452 -12.95 -13.75 6.93
N TRP A 453 -14.09 -14.40 7.17
CA TRP A 453 -14.90 -14.94 6.09
C TRP A 453 -15.34 -13.81 5.13
N TRP A 454 -15.60 -12.64 5.68
CA TRP A 454 -16.04 -11.50 4.89
C TRP A 454 -14.97 -10.76 4.07
N ARG A 455 -13.70 -11.17 4.17
CA ARG A 455 -12.63 -10.52 3.38
C ARG A 455 -12.79 -10.84 1.89
N PRO A 456 -12.68 -9.81 1.02
CA PRO A 456 -12.77 -10.01 -0.43
C PRO A 456 -11.44 -10.37 -1.08
N PHE A 457 -11.51 -10.95 -2.29
CA PHE A 457 -10.32 -11.18 -3.11
C PHE A 457 -10.35 -10.39 -4.42
N ALA A 458 -9.20 -10.30 -5.07
CA ALA A 458 -9.06 -9.46 -6.26
C ALA A 458 -8.31 -10.17 -7.39
N PRO A 459 -8.55 -9.73 -8.63
CA PRO A 459 -8.02 -10.43 -9.79
C PRO A 459 -6.85 -9.73 -10.46
N SER A 460 -6.00 -10.57 -11.03
CA SER A 460 -5.04 -10.14 -12.04
C SER A 460 -5.57 -10.58 -13.41
N MET A 461 -5.38 -9.73 -14.42
CA MET A 461 -5.77 -10.09 -15.78
C MET A 461 -4.82 -9.46 -16.81
N LEU A 462 -4.80 -10.03 -18.01
CA LEU A 462 -4.03 -9.45 -19.09
C LEU A 462 -4.59 -8.06 -19.39
N ARG A 463 -3.71 -7.07 -19.55
CA ARG A 463 -4.19 -5.76 -19.95
C ARG A 463 -4.93 -5.94 -21.26
N SER A 464 -4.44 -6.88 -22.08
CA SER A 464 -4.93 -7.10 -23.44
C SER A 464 -6.39 -7.58 -23.51
N VAL A 465 -6.94 -8.04 -22.39
CA VAL A 465 -8.34 -8.45 -22.37
C VAL A 465 -9.16 -7.64 -21.37
N SER A 466 -8.54 -6.65 -20.75
CA SER A 466 -9.23 -5.92 -19.69
C SER A 466 -10.36 -5.05 -20.25
N ASP A 467 -10.26 -4.70 -21.53
CA ASP A 467 -11.31 -3.92 -22.19
C ASP A 467 -12.62 -4.70 -22.33
N GLN A 468 -12.49 -6.01 -22.56
CA GLN A 468 -13.63 -6.90 -22.64
C GLN A 468 -14.18 -7.23 -21.24
N VAL A 469 -13.32 -7.11 -20.23
CA VAL A 469 -13.69 -7.54 -18.87
C VAL A 469 -14.19 -6.39 -18.00
N LEU A 470 -13.56 -5.22 -18.13
CA LEU A 470 -13.87 -4.08 -17.29
C LEU A 470 -14.59 -3.02 -18.09
N GLU A 471 -15.47 -2.28 -17.44
CA GLU A 471 -16.22 -1.22 -18.09
C GLU A 471 -15.33 -0.03 -18.48
N VAL A 472 -14.09 0.00 -17.96
CA VAL A 472 -13.16 1.07 -18.31
C VAL A 472 -11.95 0.47 -19.05
N ASP A 473 -11.59 1.04 -20.20
CA ASP A 473 -10.39 0.60 -20.93
C ASP A 473 -9.20 1.47 -20.50
N ALA A 474 -8.65 1.17 -19.33
CA ALA A 474 -7.49 1.90 -18.83
C ALA A 474 -6.56 0.92 -18.15
N ASP A 475 -5.37 1.41 -17.81
CA ASP A 475 -4.43 0.62 -17.03
C ASP A 475 -4.87 0.61 -15.56
N PHE A 476 -4.83 -0.57 -14.96
CA PHE A 476 -5.02 -0.73 -13.52
C PHE A 476 -3.92 -1.63 -12.99
N PRO A 477 -2.69 -1.08 -12.90
CA PRO A 477 -1.46 -1.83 -12.60
C PRO A 477 -1.27 -2.15 -11.11
N TYR A 478 -2.00 -1.48 -10.23
CA TYR A 478 -1.68 -1.52 -8.80
C TYR A 478 -2.77 -2.04 -7.86
N MET A 479 -3.90 -2.45 -8.42
CA MET A 479 -5.07 -2.83 -7.61
C MET A 479 -5.43 -1.72 -6.64
N ILE A 480 -5.23 -0.48 -7.06
CA ILE A 480 -5.46 0.63 -6.17
C ILE A 480 -6.81 1.30 -6.46
N MET A 481 -7.58 0.67 -7.37
CA MET A 481 -8.86 1.23 -7.80
C MET A 481 -9.88 0.16 -8.14
N THR A 482 -11.05 0.28 -7.53
CA THR A 482 -12.17 -0.55 -7.94
C THR A 482 -12.73 -0.02 -9.27
N THR A 483 -13.26 -0.95 -10.06
CA THR A 483 -14.01 -0.60 -11.25
C THR A 483 -15.05 -1.70 -11.38
N LYS A 484 -15.97 -1.55 -12.33
CA LYS A 484 -16.98 -2.59 -12.53
C LYS A 484 -16.66 -3.45 -13.75
N VAL A 485 -16.95 -4.74 -13.66
CA VAL A 485 -16.81 -5.63 -14.81
C VAL A 485 -17.99 -5.42 -15.77
N ARG A 486 -17.80 -5.81 -17.02
CA ARG A 486 -18.90 -5.79 -17.98
C ARG A 486 -19.77 -7.01 -17.80
N ALA A 487 -20.99 -6.91 -18.35
CA ALA A 487 -22.00 -7.93 -18.20
C ALA A 487 -21.50 -9.36 -18.40
N ALA A 488 -20.77 -9.59 -19.49
CA ALA A 488 -20.39 -10.97 -19.83
C ALA A 488 -19.44 -11.63 -18.82
N TYR A 489 -18.92 -10.86 -17.86
CA TYR A 489 -17.98 -11.40 -16.88
C TYR A 489 -18.46 -11.29 -15.43
N ALA A 490 -19.63 -10.72 -15.23
CA ALA A 490 -20.14 -10.44 -13.89
C ALA A 490 -20.59 -11.66 -13.09
N GLU A 491 -20.47 -12.85 -13.66
CA GLU A 491 -20.86 -14.07 -12.93
C GLU A 491 -19.89 -15.18 -13.22
N ARG A 492 -19.02 -14.92 -14.19
CA ARG A 492 -17.94 -15.82 -14.60
C ARG A 492 -16.83 -15.91 -13.55
N LEU A 493 -16.71 -14.86 -12.74
CA LEU A 493 -15.55 -14.68 -11.86
C LEU A 493 -15.94 -14.53 -10.40
N PRO A 494 -16.68 -15.51 -9.86
CA PRO A 494 -17.30 -15.28 -8.55
C PRO A 494 -16.30 -14.96 -7.43
N SER A 495 -15.13 -15.61 -7.43
CA SER A 495 -14.17 -15.40 -6.33
C SER A 495 -13.59 -13.99 -6.27
N VAL A 496 -13.65 -13.25 -7.38
CA VAL A 496 -12.98 -11.95 -7.44
C VAL A 496 -13.90 -10.79 -7.81
N VAL A 497 -15.17 -11.09 -8.04
CA VAL A 497 -16.14 -10.05 -8.41
C VAL A 497 -17.27 -10.01 -7.40
N HIS A 498 -17.57 -8.81 -6.91
CA HIS A 498 -18.69 -8.61 -5.98
C HIS A 498 -20.03 -8.75 -6.68
N GLU A 499 -21.08 -8.93 -5.89
CA GLU A 499 -22.43 -9.04 -6.42
C GLU A 499 -22.83 -7.79 -7.23
N ASP A 500 -22.41 -6.61 -6.75
CA ASP A 500 -22.67 -5.36 -7.46
C ASP A 500 -21.79 -5.17 -8.71
N TRP A 501 -21.04 -6.22 -9.07
CA TRP A 501 -20.14 -6.22 -10.24
C TRP A 501 -18.84 -5.42 -10.09
N SER A 502 -18.58 -4.91 -8.89
CA SER A 502 -17.31 -4.23 -8.67
C SER A 502 -16.19 -5.25 -8.53
N THR A 503 -14.97 -4.80 -8.83
CA THR A 503 -13.78 -5.59 -8.59
C THR A 503 -12.57 -4.67 -8.42
N ARG A 504 -11.45 -5.23 -7.98
CA ARG A 504 -10.24 -4.46 -7.67
C ARG A 504 -9.08 -5.08 -8.45
N PRO A 505 -8.93 -4.66 -9.71
CA PRO A 505 -8.14 -5.48 -10.64
C PRO A 505 -6.71 -5.01 -10.77
N GLN A 506 -5.83 -5.96 -11.07
CA GLN A 506 -4.51 -5.66 -11.61
C GLN A 506 -4.48 -6.03 -13.10
N THR A 507 -4.22 -5.05 -13.96
CA THR A 507 -4.01 -5.35 -15.39
C THR A 507 -2.53 -5.61 -15.64
N VAL A 508 -2.23 -6.57 -16.50
CA VAL A 508 -0.85 -7.03 -16.68
C VAL A 508 -0.33 -6.91 -18.13
N THR A 509 0.61 -6.00 -18.35
CA THR A 509 1.27 -5.92 -19.65
C THR A 509 2.42 -6.92 -19.70
N GLU A 510 2.78 -7.37 -20.90
CA GLU A 510 3.85 -8.36 -21.06
C GLU A 510 5.19 -7.76 -20.64
N ALA A 511 5.38 -6.49 -20.98
CA ALA A 511 6.56 -5.76 -20.54
C ALA A 511 6.66 -5.75 -19.01
N SER A 512 5.58 -5.39 -18.32
CA SER A 512 5.61 -5.32 -16.85
C SER A 512 6.08 -6.64 -16.20
N ASN A 513 5.61 -7.77 -16.72
CA ASN A 513 5.82 -9.07 -16.06
C ASN A 513 5.60 -10.20 -17.02
N PRO A 514 6.62 -10.50 -17.85
CA PRO A 514 6.56 -11.53 -18.89
C PRO A 514 6.11 -12.88 -18.35
N ARG A 515 6.68 -13.29 -17.22
CA ARG A 515 6.39 -14.57 -16.61
C ARG A 515 4.93 -14.63 -16.16
N TYR A 516 4.51 -13.63 -15.37
CA TYR A 516 3.12 -13.58 -14.93
C TYR A 516 2.24 -13.51 -16.17
N HIS A 517 2.64 -12.65 -17.11
CA HIS A 517 1.85 -12.46 -18.32
C HIS A 517 1.65 -13.79 -19.05
N ARG A 518 2.74 -14.54 -19.17
CA ARG A 518 2.74 -15.85 -19.82
C ARG A 518 1.81 -16.82 -19.07
N MET A 519 2.00 -16.91 -17.76
CA MET A 519 1.16 -17.75 -16.90
C MET A 519 -0.32 -17.46 -17.13
N LEU A 520 -0.68 -16.17 -17.11
CA LEU A 520 -2.06 -15.78 -17.34
C LEU A 520 -2.53 -16.20 -18.74
N THR A 521 -1.65 -16.03 -19.73
CA THR A 521 -1.99 -16.39 -21.10
C THR A 521 -2.35 -17.88 -21.13
N GLU A 522 -1.45 -18.70 -20.59
CA GLU A 522 -1.66 -20.14 -20.50
C GLU A 522 -2.94 -20.48 -19.75
N LEU A 523 -3.30 -19.65 -18.77
CA LEU A 523 -4.53 -19.89 -18.01
C LEU A 523 -5.74 -19.63 -18.91
N GLY A 524 -5.71 -18.53 -19.65
CA GLY A 524 -6.75 -18.23 -20.62
C GLY A 524 -7.03 -19.39 -21.58
N ASP A 525 -5.97 -20.08 -21.99
CA ASP A 525 -6.12 -21.20 -22.92
C ASP A 525 -6.77 -22.40 -22.23
N LEU A 526 -6.92 -22.34 -20.92
CA LEU A 526 -7.50 -23.43 -20.15
C LEU A 526 -8.93 -23.18 -19.74
N VAL A 527 -9.20 -21.95 -19.31
CA VAL A 527 -10.51 -21.65 -18.72
C VAL A 527 -11.11 -20.44 -19.41
N GLY A 528 -10.60 -20.11 -20.59
CA GLY A 528 -11.19 -19.07 -21.40
C GLY A 528 -10.63 -17.70 -21.12
N ASP A 529 -10.64 -17.30 -19.86
CA ASP A 529 -10.18 -15.97 -19.49
C ASP A 529 -8.83 -16.00 -18.79
N PRO A 530 -7.92 -15.10 -19.20
CA PRO A 530 -6.57 -15.04 -18.63
C PRO A 530 -6.65 -14.20 -17.34
N VAL A 531 -7.42 -14.71 -16.39
CA VAL A 531 -7.74 -13.98 -15.19
C VAL A 531 -7.59 -14.94 -14.04
N CYS A 532 -6.95 -14.50 -12.95
CA CYS A 532 -6.88 -15.35 -11.79
C CYS A 532 -7.05 -14.53 -10.53
N LEU A 533 -7.24 -15.26 -9.43
CA LEU A 533 -7.27 -14.64 -8.12
C LEU A 533 -5.83 -14.45 -7.65
N ASN A 534 -5.54 -13.26 -7.15
CA ASN A 534 -4.19 -12.88 -6.73
C ASN A 534 -4.24 -12.21 -5.34
N THR A 535 -3.84 -12.96 -4.31
CA THR A 535 -3.86 -12.43 -2.94
C THR A 535 -2.45 -12.42 -2.34
N SER A 536 -2.22 -11.51 -1.40
CA SER A 536 -0.89 -11.31 -0.81
C SER A 536 -0.33 -12.62 -0.26
N PHE A 537 0.95 -12.84 -0.55
CA PHE A 537 1.64 -14.07 -0.17
C PHE A 537 2.24 -13.93 1.23
N ASN A 538 1.47 -14.34 2.24
CA ASN A 538 1.85 -14.23 3.65
C ASN A 538 0.85 -14.97 4.54
N ASP A 539 1.28 -15.37 5.72
CA ASP A 539 0.34 -15.78 6.76
C ASP A 539 -0.12 -14.49 7.44
N ARG A 540 -1.37 -14.45 7.86
CA ARG A 540 -1.94 -13.17 8.28
C ARG A 540 -1.15 -12.47 9.39
N GLY A 541 -1.05 -11.15 9.29
CA GLY A 541 -0.27 -10.38 10.24
C GLY A 541 1.23 -10.32 9.97
N GLU A 542 1.77 -11.29 9.22
CA GLU A 542 3.17 -11.21 8.77
C GLU A 542 3.21 -10.46 7.43
N PRO A 543 4.29 -9.73 7.16
CA PRO A 543 4.38 -9.01 5.89
C PRO A 543 4.56 -9.96 4.69
N ILE A 544 4.23 -9.48 3.50
CA ILE A 544 4.36 -10.25 2.28
C ILE A 544 5.76 -10.85 2.20
N VAL A 545 5.86 -12.11 1.81
CA VAL A 545 7.18 -12.75 1.76
C VAL A 545 8.09 -12.03 0.76
N SER A 546 9.39 -12.04 1.04
CA SER A 546 10.34 -11.34 0.18
C SER A 546 11.40 -12.28 -0.35
N SER A 547 12.05 -13.02 0.55
CA SER A 547 13.12 -13.94 0.19
C SER A 547 12.57 -15.31 -0.11
N PRO A 548 13.32 -16.13 -0.86
CA PRO A 548 12.88 -17.51 -1.07
C PRO A 548 12.71 -18.24 0.26
N ALA A 549 13.60 -18.01 1.23
CA ALA A 549 13.44 -18.63 2.54
C ALA A 549 12.10 -18.17 3.16
N ASP A 550 11.73 -16.92 2.95
CA ASP A 550 10.43 -16.45 3.42
C ASP A 550 9.32 -17.25 2.76
N ALA A 551 9.43 -17.42 1.45
CA ALA A 551 8.39 -18.08 0.67
C ALA A 551 8.24 -19.52 1.11
N LEU A 552 9.38 -20.18 1.32
CA LEU A 552 9.35 -21.57 1.70
C LEU A 552 8.74 -21.72 3.08
N LEU A 553 9.03 -20.78 3.97
CA LEU A 553 8.53 -20.87 5.33
C LEU A 553 6.98 -20.77 5.35
N THR A 554 6.44 -19.74 4.70
CA THR A 554 5.00 -19.53 4.63
C THR A 554 4.35 -20.67 3.84
N PHE A 555 5.03 -21.18 2.83
CA PHE A 555 4.51 -22.32 2.09
C PHE A 555 4.39 -23.52 3.02
N SER A 556 5.35 -23.65 3.93
CA SER A 556 5.38 -24.81 4.79
C SER A 556 4.33 -24.77 5.89
N ARG A 557 3.85 -23.58 6.19
CA ARG A 557 2.94 -23.43 7.32
CA ARG A 557 2.94 -23.39 7.32
C ARG A 557 1.47 -23.36 6.87
N LEU A 558 1.25 -23.14 5.58
CA LEU A 558 -0.10 -23.05 5.04
C LEU A 558 -0.41 -24.21 4.09
N PRO A 559 -1.68 -24.64 4.07
CA PRO A 559 -2.04 -25.73 3.17
C PRO A 559 -2.20 -25.21 1.72
N ILE A 560 -1.20 -24.47 1.25
CA ILE A 560 -1.05 -24.14 -0.16
C ILE A 560 -0.75 -25.44 -0.90
N ASP A 561 -1.13 -25.53 -2.16
CA ASP A 561 -0.85 -26.75 -2.92
C ASP A 561 0.59 -26.81 -3.48
N ALA A 562 1.05 -25.70 -4.06
CA ALA A 562 2.38 -25.65 -4.68
C ALA A 562 3.02 -24.28 -4.55
N LEU A 563 4.35 -24.27 -4.63
CA LEU A 563 5.14 -23.05 -4.64
C LEU A 563 5.95 -22.98 -5.92
N ALA A 564 5.72 -21.92 -6.70
CA ALA A 564 6.55 -21.65 -7.87
C ALA A 564 7.51 -20.52 -7.52
N VAL A 565 8.75 -20.88 -7.20
CA VAL A 565 9.74 -19.89 -6.75
C VAL A 565 10.97 -19.96 -7.66
N GLY A 566 11.21 -18.87 -8.39
CA GLY A 566 12.11 -18.92 -9.51
C GLY A 566 11.58 -19.96 -10.48
N PRO A 567 12.48 -20.75 -11.08
CA PRO A 567 12.11 -21.76 -12.09
C PRO A 567 11.75 -23.08 -11.44
N TYR A 568 11.70 -23.11 -10.11
CA TYR A 568 11.43 -24.36 -9.40
C TYR A 568 9.99 -24.47 -8.90
N LEU A 569 9.52 -25.70 -8.81
CA LEU A 569 8.16 -25.97 -8.34
C LEU A 569 8.20 -26.98 -7.20
N VAL A 570 7.64 -26.59 -6.07
CA VAL A 570 7.53 -27.48 -4.91
C VAL A 570 6.05 -27.84 -4.71
N THR A 571 5.76 -29.09 -4.39
CA THR A 571 4.39 -29.48 -4.02
C THR A 571 4.36 -29.98 -2.58
N LYS A 572 3.18 -30.22 -2.03
CA LYS A 572 3.09 -30.63 -0.64
C LYS A 572 3.44 -32.12 -0.41
#